data_5K26
#
_entry.id   5K26
#
_cell.length_a   64.000
_cell.length_b   64.000
_cell.length_c   35.200
_cell.angle_alpha   90.00
_cell.angle_beta   90.00
_cell.angle_gamma   120.00
#
_symmetry.space_group_name_H-M   'P 31'
#
loop_
_entity.id
_entity.type
_entity.pdbx_description
1 polymer 'Mitogen-activated protein kinase kinase kinase 11,Chimera protein of MLK3-SH3 and MIP'
2 non-polymer '2-(N-MORPHOLINO)-ETHANESULFONIC ACID'
3 water water
#
_entity_poly.entity_id   1
_entity_poly.type   'polypeptide(L)'
_entity_poly.pdbx_seq_one_letter_code
;HMYANPVWTALFDYEPSGQDELALRKGDRVEVLSRDAAISGDEGWWAGQVGGQVGIFPSNYVSRGGGAIRINPNGTWSRQ
AETVES
;
_entity_poly.pdbx_strand_id   A,B
#
# COMPACT_ATOMS: atom_id res chain seq x y z
N ALA A 4 17.88 8.76 -12.86
CA ALA A 4 16.69 8.92 -11.90
C ALA A 4 15.96 7.60 -11.27
N ASN A 5 15.07 7.88 -10.34
CA ASN A 5 14.23 6.90 -9.76
C ASN A 5 12.82 7.13 -10.24
N PRO A 6 11.94 6.14 -10.04
CA PRO A 6 10.53 6.33 -10.43
C PRO A 6 9.84 7.44 -9.57
N VAL A 7 8.98 8.19 -10.21
CA VAL A 7 8.23 9.25 -9.53
C VAL A 7 6.79 8.87 -9.42
N TRP A 8 6.28 8.74 -8.24
CA TRP A 8 4.93 8.41 -7.95
C TRP A 8 4.11 9.64 -7.51
N THR A 9 2.84 9.64 -7.47
CA THR A 9 2.00 10.79 -7.10
C THR A 9 1.22 10.48 -5.92
N ALA A 10 1.18 11.39 -4.93
CA ALA A 10 0.38 11.18 -3.75
C ALA A 10 -1.10 11.32 -4.08
N LEU A 11 -1.88 10.32 -3.64
CA LEU A 11 -3.29 10.24 -3.79
C LEU A 11 -4.07 11.02 -2.68
N PHE A 12 -3.48 11.04 -1.50
CA PHE A 12 -4.13 11.62 -0.33
C PHE A 12 -3.08 12.34 0.48
N ASP A 13 -3.53 13.22 1.39
CA ASP A 13 -2.63 13.79 2.33
C ASP A 13 -2.19 12.80 3.40
N TYR A 14 -0.96 12.83 3.83
CA TYR A 14 -0.47 12.05 4.90
C TYR A 14 0.30 13.02 5.88
N GLU A 15 -0.08 12.85 7.10
CA GLU A 15 0.63 13.71 8.17
C GLU A 15 1.55 12.75 9.00
N PRO A 16 2.86 13.03 9.03
CA PRO A 16 3.75 12.17 9.79
C PRO A 16 3.40 12.05 11.28
N SER A 17 3.67 10.88 11.80
CA SER A 17 3.55 10.57 13.19
C SER A 17 4.90 10.53 13.85
N GLY A 18 5.96 10.53 13.09
CA GLY A 18 7.31 10.59 13.60
C GLY A 18 8.25 11.41 12.69
N GLN A 19 9.46 11.59 13.16
CA GLN A 19 10.36 12.52 12.45
CA GLN A 19 10.41 12.45 12.55
C GLN A 19 11.01 11.95 11.22
N ASP A 20 11.04 10.60 11.11
CA ASP A 20 11.52 9.95 9.92
C ASP A 20 10.51 9.81 8.76
N GLU A 21 9.26 10.14 9.04
CA GLU A 21 8.17 10.02 8.07
C GLU A 21 8.01 11.24 7.20
N LEU A 22 7.68 11.14 5.96
CA LEU A 22 7.54 12.18 5.00
C LEU A 22 6.15 12.59 4.88
N ALA A 23 5.89 13.91 5.07
CA ALA A 23 4.65 14.44 4.85
C ALA A 23 4.24 14.44 3.39
N LEU A 24 2.97 14.05 3.09
CA LEU A 24 2.50 14.12 1.71
C LEU A 24 1.24 14.97 1.64
N ARG A 25 1.08 15.62 0.51
CA ARG A 25 -0.19 16.25 0.18
C ARG A 25 -0.63 15.74 -1.23
N LYS A 26 -1.91 15.64 -1.34
CA LYS A 26 -2.47 15.16 -2.62
C LYS A 26 -1.87 15.86 -3.76
N GLY A 27 -1.41 15.11 -4.81
CA GLY A 27 -0.77 15.66 -5.95
C GLY A 27 0.72 15.82 -5.89
N ASP A 28 1.34 15.71 -4.72
CA ASP A 28 2.78 15.76 -4.64
C ASP A 28 3.43 14.72 -5.49
N ARG A 29 4.51 15.03 -6.15
CA ARG A 29 5.34 14.07 -6.86
C ARG A 29 6.42 13.60 -5.94
N VAL A 30 6.53 12.30 -5.74
CA VAL A 30 7.37 11.70 -4.86
C VAL A 30 8.42 10.86 -5.56
N GLU A 31 9.71 11.07 -5.46
CA GLU A 31 10.70 10.19 -6.04
C GLU A 31 10.89 9.07 -5.07
N VAL A 32 10.64 7.84 -5.55
CA VAL A 32 10.71 6.67 -4.71
C VAL A 32 12.10 6.08 -4.71
N LEU A 33 12.77 6.14 -3.59
CA LEU A 33 14.11 5.68 -3.46
C LEU A 33 14.23 4.21 -3.09
N SER A 34 13.25 3.65 -2.40
CA SER A 34 13.26 2.23 -2.05
C SER A 34 11.87 1.83 -1.67
N ARG A 35 11.44 0.66 -2.19
CA ARG A 35 10.22 0.08 -1.80
C ARG A 35 10.35 -1.07 -0.80
N ASP A 36 11.55 -1.31 -0.29
CA ASP A 36 11.85 -2.54 0.47
C ASP A 36 12.47 -2.11 1.81
N ALA A 37 11.68 -2.21 2.92
CA ALA A 37 12.20 -1.95 4.20
C ALA A 37 13.23 -3.00 4.59
N ALA A 38 14.30 -2.57 5.23
CA ALA A 38 15.29 -3.54 5.76
C ALA A 38 14.73 -4.37 6.87
N ILE A 39 13.84 -3.79 7.67
CA ILE A 39 13.22 -4.47 8.87
C ILE A 39 11.81 -4.89 8.48
N SER A 40 11.49 -6.18 8.60
CA SER A 40 10.20 -6.76 8.08
C SER A 40 8.99 -6.02 8.70
N GLY A 41 9.09 -5.54 9.97
CA GLY A 41 7.98 -4.88 10.52
C GLY A 41 7.61 -3.61 9.84
N ASP A 42 8.54 -3.04 9.06
CA ASP A 42 8.33 -1.79 8.34
C ASP A 42 7.85 -2.00 6.89
N GLU A 43 7.63 -3.26 6.47
CA GLU A 43 7.24 -3.51 5.09
C GLU A 43 5.92 -2.78 4.82
N GLY A 44 5.82 -2.24 3.64
CA GLY A 44 4.64 -1.48 3.31
C GLY A 44 4.93 0.09 3.35
N TRP A 45 6.03 0.44 4.00
CA TRP A 45 6.52 1.82 4.02
C TRP A 45 7.61 1.93 3.09
N TRP A 46 7.60 2.94 2.20
CA TRP A 46 8.53 3.14 1.19
C TRP A 46 9.43 4.44 1.51
N ALA A 47 10.60 4.54 1.04
CA ALA A 47 11.42 5.78 1.22
C ALA A 47 11.31 6.56 -0.02
N GLY A 48 11.07 7.90 0.22
CA GLY A 48 10.93 8.79 -0.91
C GLY A 48 11.45 10.23 -0.65
N GLN A 49 11.44 10.95 -1.68
CA GLN A 49 11.91 12.39 -1.60
C GLN A 49 10.87 13.23 -2.20
N VAL A 50 10.57 14.35 -1.47
N VAL A 50 10.53 14.34 -1.45
CA VAL A 50 9.68 15.41 -1.93
CA VAL A 50 9.57 15.32 -1.91
C VAL A 50 10.23 16.75 -1.37
C VAL A 50 10.25 16.64 -1.53
N GLY A 51 10.30 17.81 -2.14
N GLY A 51 10.45 17.42 -2.59
CA GLY A 51 10.60 19.11 -1.47
CA GLY A 51 11.37 18.62 -2.53
C GLY A 51 11.95 19.19 -0.74
C GLY A 51 12.64 18.22 -1.84
N GLY A 52 12.96 18.46 -1.20
N GLY A 52 13.01 18.92 -0.82
CA GLY A 52 14.20 18.50 -0.41
CA GLY A 52 14.28 18.55 -0.32
C GLY A 52 14.25 17.59 0.81
C GLY A 52 14.31 17.57 0.82
N GLN A 53 13.15 16.98 1.16
CA GLN A 53 13.12 16.09 2.28
C GLN A 53 13.07 14.59 1.85
N VAL A 54 13.70 13.79 2.66
CA VAL A 54 13.68 12.30 2.46
C VAL A 54 13.12 11.70 3.69
N GLY A 55 12.10 10.79 3.53
CA GLY A 55 11.59 10.10 4.64
C GLY A 55 10.72 8.88 4.12
N ILE A 56 10.09 8.27 5.07
CA ILE A 56 9.25 7.08 4.75
C ILE A 56 7.85 7.44 4.72
N PHE A 57 6.98 6.76 3.94
CA PHE A 57 5.65 7.05 3.79
C PHE A 57 4.78 5.77 3.50
N PRO A 58 3.57 5.78 3.72
CA PRO A 58 2.80 4.48 3.47
C PRO A 58 2.54 4.44 2.01
N SER A 59 2.80 3.18 1.47
CA SER A 59 2.73 2.95 0.02
C SER A 59 1.31 3.05 -0.51
N ASN A 60 0.34 2.82 0.27
CA ASN A 60 -0.99 2.91 -0.19
C ASN A 60 -1.60 4.33 -0.46
N TYR A 61 -0.66 5.32 -0.17
CA TYR A 61 -0.99 6.75 -0.40
C TYR A 61 -0.48 7.23 -1.65
N VAL A 62 0.19 6.45 -2.51
CA VAL A 62 0.72 6.92 -3.74
C VAL A 62 0.23 6.02 -4.92
N SER A 63 0.32 6.51 -6.11
CA SER A 63 -0.04 5.81 -7.35
CA SER A 63 0.05 5.72 -7.29
C SER A 63 0.91 6.21 -8.42
N ARG A 64 0.93 5.44 -9.51
CA ARG A 64 1.69 5.77 -10.68
C ARG A 64 0.85 6.64 -11.57
N GLY A 65 1.28 7.87 -11.74
CA GLY A 65 0.56 8.80 -12.54
C GLY A 65 -0.84 9.20 -11.98
N GLY A 66 -1.62 9.77 -12.88
CA GLY A 66 -2.80 10.44 -12.49
C GLY A 66 -4.07 9.74 -12.68
N GLY A 67 -4.08 8.56 -13.22
CA GLY A 67 -5.36 7.81 -13.30
C GLY A 67 -6.02 7.56 -14.65
N ALA A 68 -5.56 8.24 -15.69
CA ALA A 68 -6.15 8.11 -17.00
C ALA A 68 -6.02 6.72 -17.61
N ILE A 69 -4.94 6.01 -17.34
CA ILE A 69 -4.70 4.67 -17.77
C ILE A 69 -4.64 3.78 -16.55
N ARG A 70 -5.39 2.67 -16.60
CA ARG A 70 -5.49 1.68 -15.58
C ARG A 70 -4.78 0.37 -16.02
N ILE A 71 -4.00 -0.26 -15.16
CA ILE A 71 -3.50 -1.63 -15.35
C ILE A 71 -4.38 -2.56 -14.68
N ASN A 72 -4.96 -3.43 -15.45
CA ASN A 72 -5.96 -4.40 -14.94
C ASN A 72 -5.27 -5.59 -14.27
N PRO A 73 -6.01 -6.34 -13.45
CA PRO A 73 -5.40 -7.49 -12.83
C PRO A 73 -4.81 -8.54 -13.79
N ASN A 74 -5.41 -8.66 -14.98
CA ASN A 74 -4.91 -9.60 -15.96
C ASN A 74 -3.70 -9.03 -16.77
N GLY A 75 -3.19 -7.82 -16.46
CA GLY A 75 -2.04 -7.25 -17.05
C GLY A 75 -2.26 -6.46 -18.32
N THR A 76 -3.53 -6.34 -18.75
CA THR A 76 -3.89 -5.40 -19.83
C THR A 76 -4.02 -4.05 -19.31
N TRP A 77 -4.03 -3.07 -20.24
CA TRP A 77 -4.32 -1.70 -19.92
C TRP A 77 -5.66 -1.23 -20.49
N SER A 78 -6.31 -0.36 -19.74
CA SER A 78 -7.52 0.26 -20.16
C SER A 78 -7.48 1.77 -19.95
N ARG A 79 -8.20 2.48 -20.79
CA ARG A 79 -8.54 3.88 -20.50
C ARG A 79 -9.60 3.99 -19.44
N GLN A 80 -9.46 4.93 -18.51
CA GLN A 80 -10.61 5.06 -17.49
C GLN A 80 -11.83 5.65 -18.19
N PRO B 6 -14.82 -9.27 5.14
CA PRO B 6 -14.64 -8.08 4.28
C PRO B 6 -13.50 -8.25 3.27
N VAL B 7 -13.82 -7.69 2.06
CA VAL B 7 -12.98 -7.90 0.86
C VAL B 7 -12.13 -6.71 0.58
N TRP B 8 -10.87 -6.95 0.41
CA TRP B 8 -9.89 -6.01 0.05
C TRP B 8 -9.27 -6.45 -1.27
N THR B 9 -8.58 -5.57 -1.95
CA THR B 9 -7.86 -5.81 -3.16
C THR B 9 -6.44 -5.56 -2.99
N ALA B 10 -5.53 -6.44 -3.48
CA ALA B 10 -4.11 -6.13 -3.49
C ALA B 10 -3.76 -5.09 -4.45
N LEU B 11 -2.97 -4.11 -3.93
CA LEU B 11 -2.51 -2.98 -4.76
C LEU B 11 -1.28 -3.24 -5.55
N PHE B 12 -0.44 -4.13 -5.08
CA PHE B 12 0.91 -4.39 -5.63
C PHE B 12 1.23 -5.84 -5.58
N ASP B 13 2.08 -6.27 -6.52
CA ASP B 13 2.73 -7.60 -6.37
C ASP B 13 3.62 -7.58 -5.11
N TYR B 14 3.59 -8.67 -4.34
CA TYR B 14 4.50 -8.81 -3.21
C TYR B 14 4.94 -10.27 -3.15
N GLU B 15 6.25 -10.43 -3.12
CA GLU B 15 6.84 -11.78 -2.97
C GLU B 15 7.38 -11.84 -1.54
N PRO B 16 6.78 -12.78 -0.84
CA PRO B 16 7.12 -12.98 0.56
C PRO B 16 8.44 -13.61 0.74
N SER B 17 9.02 -13.33 1.85
CA SER B 17 10.28 -13.77 2.30
C SER B 17 10.22 -14.13 3.76
N GLY B 18 9.12 -14.64 4.27
CA GLY B 18 9.06 -15.16 5.60
C GLY B 18 7.98 -16.19 5.72
N GLN B 19 8.08 -16.93 6.78
CA GLN B 19 7.13 -17.93 7.07
C GLN B 19 5.72 -17.24 7.35
N ASP B 20 4.69 -17.88 6.91
CA ASP B 20 3.32 -17.53 7.06
C ASP B 20 2.90 -16.28 6.20
N GLU B 21 3.82 -15.68 5.41
CA GLU B 21 3.48 -14.53 4.63
C GLU B 21 2.83 -14.87 3.32
N LEU B 22 1.74 -14.24 2.92
CA LEU B 22 1.02 -14.46 1.69
C LEU B 22 1.59 -13.78 0.54
N ALA B 23 1.70 -14.53 -0.58
CA ALA B 23 2.01 -13.89 -1.87
C ALA B 23 0.83 -13.09 -2.30
N LEU B 24 1.14 -11.84 -2.83
CA LEU B 24 0.13 -11.02 -3.45
C LEU B 24 0.44 -10.73 -4.85
N ARG B 25 -0.57 -10.77 -5.70
N ARG B 25 -0.60 -10.59 -5.65
CA ARG B 25 -0.50 -10.13 -7.00
CA ARG B 25 -0.50 -10.28 -7.05
C ARG B 25 -1.50 -9.04 -7.10
C ARG B 25 -1.51 -9.11 -7.21
N LYS B 26 -1.09 -7.99 -7.83
CA LYS B 26 -1.98 -6.82 -8.00
C LYS B 26 -3.35 -7.31 -8.48
N GLY B 27 -4.42 -6.85 -7.82
CA GLY B 27 -5.75 -7.21 -8.17
C GLY B 27 -6.31 -8.43 -7.42
N ASP B 28 -5.49 -9.15 -6.68
CA ASP B 28 -6.01 -10.27 -5.88
C ASP B 28 -7.11 -9.86 -4.95
N ARG B 29 -8.14 -10.66 -4.72
CA ARG B 29 -9.10 -10.49 -3.65
C ARG B 29 -8.49 -11.04 -2.41
N VAL B 30 -8.52 -10.30 -1.32
CA VAL B 30 -7.99 -10.64 -0.07
C VAL B 30 -9.11 -10.59 0.96
N GLU B 31 -9.37 -11.62 1.70
CA GLU B 31 -10.31 -11.50 2.80
CA GLU B 31 -10.30 -11.61 2.90
C GLU B 31 -9.48 -11.23 4.07
N VAL B 32 -9.78 -10.12 4.69
CA VAL B 32 -9.03 -9.68 5.87
C VAL B 32 -9.69 -10.25 7.11
N LEU B 33 -8.87 -10.94 7.90
CA LEU B 33 -9.33 -11.55 9.17
C LEU B 33 -8.96 -10.73 10.42
N SER B 34 -7.87 -10.02 10.37
CA SER B 34 -7.49 -9.19 11.52
C SER B 34 -6.63 -8.03 10.97
N ARG B 35 -6.96 -6.81 11.46
N ARG B 35 -6.99 -6.82 11.45
CA ARG B 35 -6.22 -5.59 11.16
CA ARG B 35 -6.25 -5.56 11.17
C ARG B 35 -5.33 -5.24 12.32
C ARG B 35 -5.34 -5.23 12.33
N ASP B 36 -5.07 -6.11 13.26
CA ASP B 36 -4.40 -5.71 14.47
CA ASP B 36 -4.34 -5.69 14.46
C ASP B 36 -3.48 -6.81 15.02
N ALA B 37 -2.19 -6.74 14.80
CA ALA B 37 -1.26 -7.67 15.35
C ALA B 37 -1.29 -7.63 16.87
N ALA B 38 -1.19 -8.80 17.49
CA ALA B 38 -1.15 -8.88 18.94
C ALA B 38 0.20 -8.41 19.45
N ILE B 39 1.26 -8.63 18.68
CA ILE B 39 2.68 -8.22 19.10
C ILE B 39 3.15 -6.96 18.42
N SER B 40 3.93 -6.13 19.13
CA SER B 40 4.41 -4.83 18.66
C SER B 40 5.41 -4.67 17.48
N GLY B 41 6.18 -6.00 17.50
CA GLY B 41 6.95 -6.15 16.32
C GLY B 41 6.26 -6.41 14.97
N ASP B 42 4.98 -6.79 15.04
CA ASP B 42 4.26 -7.26 13.85
C ASP B 42 3.25 -6.23 13.45
N GLU B 43 3.20 -5.12 14.18
CA GLU B 43 2.28 -4.09 13.83
C GLU B 43 2.74 -3.66 12.33
N GLY B 44 1.70 -3.39 11.60
CA GLY B 44 1.74 -3.08 10.23
C GLY B 44 1.38 -4.22 9.32
N TRP B 45 1.33 -5.42 9.92
CA TRP B 45 0.94 -6.65 9.15
C TRP B 45 -0.46 -7.04 9.65
N TRP B 46 -1.24 -7.52 8.64
CA TRP B 46 -2.57 -7.95 8.86
C TRP B 46 -2.66 -9.51 8.57
N ALA B 47 -3.68 -10.11 9.14
CA ALA B 47 -3.93 -11.53 8.78
C ALA B 47 -5.05 -11.57 7.88
N GLY B 48 -4.97 -12.56 6.92
CA GLY B 48 -6.06 -12.66 6.00
C GLY B 48 -5.97 -14.04 5.28
N GLN B 49 -6.78 -14.08 4.27
CA GLN B 49 -6.90 -15.36 3.44
CA GLN B 49 -6.95 -15.35 3.37
C GLN B 49 -6.92 -14.91 1.93
N VAL B 50 -6.05 -15.59 1.13
CA VAL B 50 -5.95 -15.41 -0.30
C VAL B 50 -5.94 -16.87 -0.89
N GLY B 51 -6.86 -17.13 -1.80
CA GLY B 51 -6.91 -18.33 -2.44
C GLY B 51 -7.16 -19.54 -1.49
N GLY B 52 -7.83 -19.33 -0.37
CA GLY B 52 -8.00 -20.42 0.58
C GLY B 52 -6.88 -20.60 1.57
N GLN B 53 -5.80 -19.79 1.51
CA GLN B 53 -4.70 -19.97 2.45
C GLN B 53 -4.70 -18.79 3.41
N VAL B 54 -4.57 -19.05 4.65
CA VAL B 54 -4.48 -17.99 5.68
C VAL B 54 -3.06 -17.69 5.95
N GLY B 55 -2.76 -16.40 6.10
CA GLY B 55 -1.38 -15.99 6.41
C GLY B 55 -1.40 -14.40 6.70
N ILE B 56 -0.23 -13.87 6.61
CA ILE B 56 -0.10 -12.40 6.96
C ILE B 56 0.45 -11.76 5.79
N PHE B 57 0.18 -10.40 5.76
CA PHE B 57 0.64 -9.55 4.68
C PHE B 57 0.72 -8.08 5.15
N PRO B 58 1.50 -7.28 4.44
CA PRO B 58 1.59 -5.79 4.86
C PRO B 58 0.30 -5.13 4.55
N SER B 59 -0.21 -4.40 5.63
CA SER B 59 -1.45 -3.71 5.51
C SER B 59 -1.51 -2.72 4.35
N ASN B 60 -0.34 -2.08 4.09
CA ASN B 60 -0.33 -1.01 3.14
CA ASN B 60 -0.33 -1.00 3.08
C ASN B 60 -0.42 -1.45 1.67
N TYR B 61 -0.38 -2.86 1.47
CA TYR B 61 -0.47 -3.44 0.13
C TYR B 61 -1.84 -3.79 -0.26
N VAL B 62 -2.87 -3.46 0.46
CA VAL B 62 -4.22 -3.68 0.13
C VAL B 62 -5.11 -2.42 0.23
N SER B 63 -6.22 -2.40 -0.42
CA SER B 63 -7.20 -1.39 -0.31
C SER B 63 -8.58 -1.95 -0.14
N ARG B 64 -9.46 -1.28 0.55
N ARG B 64 -9.51 -1.25 0.51
CA ARG B 64 -10.70 -1.93 0.88
CA ARG B 64 -10.81 -1.83 0.91
C ARG B 64 -11.70 -1.81 -0.25
C ARG B 64 -11.84 -1.77 -0.20
N GLY B 65 -12.43 -2.92 -0.49
CA GLY B 65 -13.41 -3.06 -1.47
C GLY B 65 -12.99 -3.90 -2.67
N GLY B 66 -13.92 -4.71 -3.15
CA GLY B 66 -13.65 -5.44 -4.37
C GLY B 66 -14.61 -5.22 -5.51
N GLY B 67 -15.53 -4.29 -5.29
CA GLY B 67 -16.56 -4.01 -6.26
C GLY B 67 -16.52 -2.55 -6.62
N ALA B 68 -17.67 -1.97 -6.81
CA ALA B 68 -17.83 -0.61 -7.29
C ALA B 68 -17.45 0.51 -6.37
N ILE B 69 -17.49 0.27 -5.08
CA ILE B 69 -17.17 1.31 -4.05
C ILE B 69 -15.90 0.91 -3.36
N ARG B 70 -14.95 1.80 -3.30
CA ARG B 70 -13.70 1.55 -2.59
C ARG B 70 -13.57 2.49 -1.43
N ILE B 71 -13.01 2.01 -0.37
CA ILE B 71 -12.72 2.86 0.81
C ILE B 71 -11.25 3.12 0.83
N ASN B 72 -10.91 4.39 0.84
CA ASN B 72 -9.51 4.81 0.83
C ASN B 72 -8.98 4.83 2.25
N PRO B 73 -7.60 4.84 2.39
CA PRO B 73 -7.04 4.79 3.71
C PRO B 73 -7.10 6.07 4.48
N ASN B 74 -7.43 7.18 3.85
CA ASN B 74 -7.69 8.44 4.57
C ASN B 74 -9.14 8.57 5.01
N GLY B 75 -9.93 7.49 4.83
CA GLY B 75 -11.28 7.43 5.22
C GLY B 75 -12.32 7.92 4.30
N THR B 76 -11.93 8.31 3.08
CA THR B 76 -12.82 8.71 2.04
C THR B 76 -13.32 7.51 1.25
N TRP B 77 -14.37 7.65 0.46
CA TRP B 77 -14.84 6.62 -0.43
C TRP B 77 -14.84 7.17 -1.85
N SER B 78 -14.59 6.20 -2.74
CA SER B 78 -14.52 6.45 -4.18
C SER B 78 -15.32 5.44 -4.95
N ARG B 79 -15.81 5.82 -6.15
CA ARG B 79 -16.33 4.84 -7.12
C ARG B 79 -15.14 4.24 -7.88
N GLN B 80 -15.15 2.91 -8.12
CA GLN B 80 -14.01 2.17 -8.74
C GLN B 80 -14.79 1.93 -9.95
#